data_8E18
#
_entry.id   8E18
#
_cell.length_a   86.006
_cell.length_b   86.006
_cell.length_c   132.392
_cell.angle_alpha   90.000
_cell.angle_beta   90.000
_cell.angle_gamma   90.000
#
_symmetry.space_group_name_H-M   'P 41 21 2'
#
loop_
_entity.id
_entity.type
_entity.pdbx_description
1 polymer 'Secreted hydrolase'
2 non-polymer '4-(2-HYDROXYETHYL)-1-PIPERAZINE ETHANESULFONIC ACID'
3 water water
#
_entity_poly.entity_id   1
_entity_poly.type   'polypeptide(L)'
_entity_poly.pdbx_seq_one_letter_code
;MTEHRSVRFSAPRPSWRPAGDDTPLAGLECATVTVPVDHARPDGPTLEVALARHPARSAGRRRGVLLVGPDDPGNPGTLL
VPQLVRDLPADVLDGYDVVGFDHRFSGGSAPLSCGLTPDQWLWIFHRPQDVESEARFQRAVVERCFDAAGDVLPYLTSRD
IARDMDVIRRALGEDRISYLGHSYGSYLGAVWTQMFGEHADRVVLDSVIDPSSVWRRMFLDYAVSCEAALERWAHWAAER
DGELDLGRDAPTVRAALDALAGRADREPLPVAGMPVDGTMLRLFTMVLLSSDRAWGFLGDIVRAAVHGDEAAPSTLRALG
AMFGRGKEESGAVAQLGVLCGDAAWPRDMEVYRRDLAGHGARHPFIGPAMAGPKAGAFWPVPPAEPVTVLGADNRAESVL
LVQSEQDMFTPARGARRMRELLAHNTRLVTLAGAVQHRVFPFHGDPGVNRAAAAYLLTGKLPDTDLTLRAAAADGGPAGE
GSPS
;
_entity_poly.pdbx_strand_id   A
#
# COMPACT_ATOMS: atom_id res chain seq x y z
N ARG A 8 -17.07 16.53 -21.54
CA ARG A 8 -16.14 15.75 -20.74
C ARG A 8 -14.78 15.63 -21.43
N PHE A 9 -13.72 15.44 -20.63
CA PHE A 9 -12.39 15.21 -21.19
C PHE A 9 -12.41 13.98 -22.09
N SER A 10 -11.80 14.10 -23.27
CA SER A 10 -11.89 13.03 -24.26
C SER A 10 -11.25 11.75 -23.75
N ALA A 11 -11.97 10.63 -23.90
CA ALA A 11 -11.54 9.32 -23.39
C ALA A 11 -11.72 8.28 -24.49
N PRO A 12 -10.84 8.26 -25.51
CA PRO A 12 -10.98 7.27 -26.59
C PRO A 12 -10.72 5.86 -26.07
N ARG A 13 -11.30 4.90 -26.77
CA ARG A 13 -11.10 3.50 -26.41
C ARG A 13 -9.60 3.17 -26.50
N PRO A 14 -9.01 2.46 -25.53
CA PRO A 14 -7.54 2.30 -25.53
C PRO A 14 -6.98 1.49 -26.68
N SER A 15 -5.73 1.84 -27.00
CA SER A 15 -5.01 1.22 -28.10
C SER A 15 -4.25 0.00 -27.58
N TRP A 16 -5.00 -1.04 -27.20
CA TRP A 16 -4.37 -2.22 -26.62
C TRP A 16 -3.36 -2.86 -27.57
N ARG A 17 -2.22 -3.25 -27.04
CA ARG A 17 -1.18 -3.94 -27.77
CA ARG A 17 -1.20 -3.94 -27.79
C ARG A 17 -0.64 -5.04 -26.88
N PRO A 18 -0.08 -6.09 -27.46
CA PRO A 18 0.53 -7.12 -26.59
C PRO A 18 1.63 -6.50 -25.75
N ALA A 19 1.70 -6.88 -24.47
CA ALA A 19 2.80 -6.49 -23.64
C ALA A 19 4.07 -7.08 -24.19
N GLY A 20 5.17 -6.38 -23.97
CA GLY A 20 6.45 -6.92 -24.38
C GLY A 20 6.80 -8.16 -23.59
N ASP A 21 7.46 -9.08 -24.23
CA ASP A 21 7.99 -10.14 -23.39
C ASP A 21 9.26 -9.75 -22.64
N ASP A 22 9.69 -8.49 -22.73
CA ASP A 22 10.76 -7.96 -21.89
C ASP A 22 10.25 -7.33 -20.59
N THR A 23 8.95 -7.49 -20.28
CA THR A 23 8.34 -6.83 -19.16
C THR A 23 7.80 -7.91 -18.25
N PRO A 24 7.58 -7.58 -16.99
CA PRO A 24 6.82 -8.46 -16.12
C PRO A 24 5.38 -8.61 -16.58
N LEU A 25 4.93 -7.90 -17.63
CA LEU A 25 3.54 -7.99 -18.06
C LEU A 25 3.37 -8.93 -19.24
N ALA A 26 4.42 -9.68 -19.60
CA ALA A 26 4.34 -10.61 -20.73
C ALA A 26 3.08 -11.46 -20.66
N GLY A 27 2.40 -11.56 -21.82
CA GLY A 27 1.17 -12.31 -21.89
C GLY A 27 -0.06 -11.47 -21.76
N LEU A 28 0.06 -10.25 -21.24
CA LEU A 28 -1.07 -9.36 -21.03
C LEU A 28 -1.11 -8.36 -22.18
N GLU A 29 -2.06 -7.43 -22.12
CA GLU A 29 -2.16 -6.33 -23.05
CA GLU A 29 -2.21 -6.33 -23.05
C GLU A 29 -1.89 -5.03 -22.34
N CYS A 30 -1.32 -4.06 -23.05
CA CYS A 30 -0.94 -2.77 -22.50
CA CYS A 30 -1.04 -2.78 -22.45
C CYS A 30 -1.52 -1.64 -23.33
N ALA A 31 -1.78 -0.52 -22.68
CA ALA A 31 -2.22 0.70 -23.33
C ALA A 31 -2.04 1.83 -22.34
N THR A 32 -2.11 3.06 -22.82
CA THR A 32 -2.20 4.21 -21.93
C THR A 32 -3.48 5.00 -22.18
N VAL A 33 -3.93 5.69 -21.15
CA VAL A 33 -5.06 6.60 -21.20
C VAL A 33 -4.58 7.99 -20.84
N THR A 34 -4.91 8.97 -21.68
CA THR A 34 -4.54 10.35 -21.42
C THR A 34 -5.42 10.92 -20.32
N VAL A 35 -4.80 11.62 -19.39
CA VAL A 35 -5.55 12.36 -18.38
C VAL A 35 -4.95 13.76 -18.27
N PRO A 36 -5.76 14.78 -17.96
CA PRO A 36 -5.19 16.11 -17.73
C PRO A 36 -4.46 16.13 -16.40
N VAL A 37 -3.34 16.85 -16.35
CA VAL A 37 -2.65 17.03 -15.08
C VAL A 37 -3.59 17.69 -14.08
N ASP A 38 -4.26 18.77 -14.50
CA ASP A 38 -5.23 19.49 -13.72
C ASP A 38 -6.59 19.22 -14.36
N HIS A 39 -7.41 18.44 -13.66
CA HIS A 39 -8.74 18.11 -14.19
C HIS A 39 -9.61 19.34 -14.35
N ALA A 40 -9.30 20.45 -13.68
CA ALA A 40 -10.03 21.69 -13.90
C ALA A 40 -9.57 22.43 -15.14
N ARG A 41 -8.50 21.98 -15.78
CA ARG A 41 -7.94 22.64 -16.97
C ARG A 41 -7.73 21.57 -18.04
N PRO A 42 -8.82 21.09 -18.64
CA PRO A 42 -8.71 20.00 -19.64
C PRO A 42 -7.96 20.36 -20.89
N ASP A 43 -7.75 21.65 -21.16
CA ASP A 43 -6.93 22.07 -22.29
C ASP A 43 -5.47 22.24 -21.94
N GLY A 44 -5.11 21.95 -20.69
CA GLY A 44 -3.74 22.08 -20.24
C GLY A 44 -2.91 20.83 -20.48
N PRO A 45 -1.77 20.74 -19.81
CA PRO A 45 -0.90 19.58 -19.99
C PRO A 45 -1.61 18.29 -19.57
N THR A 46 -1.16 17.19 -20.18
CA THR A 46 -1.69 15.86 -19.90
C THR A 46 -0.54 14.92 -19.57
N LEU A 47 -0.90 13.76 -19.03
CA LEU A 47 0.04 12.65 -18.91
C LEU A 47 -0.66 11.38 -19.36
N GLU A 48 0.13 10.33 -19.58
CA GLU A 48 -0.37 9.03 -20.01
C GLU A 48 -0.36 8.05 -18.85
N VAL A 49 -1.52 7.55 -18.48
CA VAL A 49 -1.64 6.57 -17.41
C VAL A 49 -1.56 5.16 -18.00
N ALA A 50 -0.60 4.37 -17.52
CA ALA A 50 -0.36 3.02 -18.00
C ALA A 50 -1.37 2.04 -17.46
N LEU A 51 -1.92 1.22 -18.37
CA LEU A 51 -2.83 0.14 -18.05
C LEU A 51 -2.24 -1.20 -18.46
N ALA A 52 -2.69 -2.26 -17.80
CA ALA A 52 -2.42 -3.63 -18.20
C ALA A 52 -3.72 -4.40 -18.08
N ARG A 53 -4.04 -5.23 -19.07
CA ARG A 53 -5.29 -5.97 -19.10
C ARG A 53 -5.07 -7.45 -19.29
N HIS A 54 -5.78 -8.26 -18.50
CA HIS A 54 -6.00 -9.68 -18.75
C HIS A 54 -7.45 -9.82 -19.19
N PRO A 55 -7.74 -10.06 -20.46
CA PRO A 55 -9.14 -10.14 -20.90
C PRO A 55 -9.86 -11.33 -20.29
N ALA A 56 -11.15 -11.16 -20.03
CA ALA A 56 -12.00 -12.25 -19.53
C ALA A 56 -11.80 -13.50 -20.38
N ARG A 57 -11.69 -14.66 -19.74
CA ARG A 57 -11.40 -15.92 -20.41
CA ARG A 57 -11.38 -15.84 -20.52
C ARG A 57 -12.61 -16.45 -21.17
N SER A 58 -13.82 -16.07 -20.78
CA SER A 58 -15.03 -16.67 -21.35
C SER A 58 -15.97 -15.56 -21.79
N ALA A 59 -16.22 -15.46 -23.08
CA ALA A 59 -17.09 -14.41 -23.58
C ALA A 59 -18.51 -14.55 -23.05
N GLY A 60 -19.00 -15.78 -22.88
CA GLY A 60 -20.35 -15.95 -22.36
C GLY A 60 -20.47 -15.56 -20.90
N ARG A 61 -19.39 -15.69 -20.14
CA ARG A 61 -19.39 -15.32 -18.73
C ARG A 61 -19.02 -13.87 -18.52
N ARG A 62 -18.49 -13.18 -19.52
CA ARG A 62 -17.94 -11.87 -19.30
C ARG A 62 -19.03 -10.90 -18.92
N ARG A 63 -18.84 -10.22 -17.80
CA ARG A 63 -19.83 -9.26 -17.38
C ARG A 63 -19.33 -7.84 -17.37
N GLY A 64 -18.04 -7.60 -17.55
CA GLY A 64 -17.53 -6.25 -17.54
C GLY A 64 -16.05 -6.23 -17.19
N VAL A 65 -15.63 -5.12 -16.60
CA VAL A 65 -14.23 -4.88 -16.25
C VAL A 65 -14.12 -4.82 -14.74
N LEU A 66 -13.07 -5.46 -14.24
CA LEU A 66 -12.60 -5.32 -12.86
C LEU A 66 -11.39 -4.42 -12.88
N LEU A 67 -11.59 -3.14 -12.57
CA LEU A 67 -10.50 -2.20 -12.46
C LEU A 67 -9.76 -2.45 -11.15
N VAL A 68 -8.43 -2.42 -11.18
CA VAL A 68 -7.61 -2.74 -10.00
C VAL A 68 -6.66 -1.57 -9.76
N GLY A 69 -6.71 -1.01 -8.55
CA GLY A 69 -5.82 0.07 -8.21
C GLY A 69 -4.54 -0.41 -7.58
N PRO A 70 -3.54 0.47 -7.52
CA PRO A 70 -2.29 0.16 -6.82
C PRO A 70 -2.51 -0.12 -5.35
N ASP A 71 -1.61 -0.91 -4.77
CA ASP A 71 -1.77 -1.32 -3.39
C ASP A 71 -1.00 -0.44 -2.41
N ASP A 72 -0.24 0.53 -2.89
CA ASP A 72 0.60 1.39 -2.06
CA ASP A 72 0.56 1.41 -2.06
C ASP A 72 0.93 2.58 -2.94
N PRO A 73 1.03 3.80 -2.40
CA PRO A 73 1.46 4.92 -3.25
C PRO A 73 2.82 4.60 -3.85
N GLY A 74 2.97 4.83 -5.14
CA GLY A 74 4.21 4.56 -5.83
C GLY A 74 4.40 3.14 -6.33
N ASN A 75 3.57 2.19 -5.91
CA ASN A 75 3.75 0.82 -6.34
CA ASN A 75 3.71 0.79 -6.33
C ASN A 75 2.94 0.63 -7.62
N PRO A 76 3.54 0.17 -8.72
CA PRO A 76 2.81 0.09 -10.01
C PRO A 76 1.65 -0.88 -9.94
N GLY A 77 0.42 -0.39 -10.12
CA GLY A 77 -0.75 -1.25 -10.07
C GLY A 77 -0.85 -2.21 -11.25
N THR A 78 -0.22 -1.88 -12.39
CA THR A 78 -0.18 -2.86 -13.47
C THR A 78 0.41 -4.19 -13.01
N LEU A 79 1.37 -4.16 -12.10
CA LEU A 79 2.02 -5.38 -11.66
C LEU A 79 1.14 -6.24 -10.79
N LEU A 80 -0.01 -5.75 -10.36
CA LEU A 80 -0.97 -6.61 -9.69
C LEU A 80 -1.64 -7.55 -10.65
N VAL A 81 -1.69 -7.24 -11.95
CA VAL A 81 -2.46 -8.09 -12.85
C VAL A 81 -1.86 -9.50 -12.93
N PRO A 82 -0.53 -9.68 -13.13
CA PRO A 82 -0.02 -11.06 -13.11
C PRO A 82 -0.31 -11.77 -11.79
N GLN A 83 -0.25 -11.06 -10.67
CA GLN A 83 -0.50 -11.67 -9.36
C GLN A 83 -1.95 -12.15 -9.28
N LEU A 84 -2.88 -11.36 -9.82
CA LEU A 84 -4.29 -11.72 -9.83
C LEU A 84 -4.59 -12.86 -10.80
N VAL A 85 -3.91 -12.90 -11.94
CA VAL A 85 -4.05 -14.06 -12.82
C VAL A 85 -3.59 -15.32 -12.10
N ARG A 86 -2.52 -15.21 -11.32
CA ARG A 86 -2.03 -16.37 -10.60
C ARG A 86 -3.04 -16.86 -9.56
N ASP A 87 -3.63 -15.93 -8.79
CA ASP A 87 -4.29 -16.31 -7.56
C ASP A 87 -5.81 -16.14 -7.53
N LEU A 88 -6.40 -15.36 -8.43
CA LEU A 88 -7.86 -15.21 -8.37
C LEU A 88 -8.57 -16.54 -8.60
N PRO A 89 -9.74 -16.72 -8.00
CA PRO A 89 -10.63 -17.82 -8.43
C PRO A 89 -10.85 -17.77 -9.94
N ALA A 90 -10.87 -18.96 -10.55
CA ALA A 90 -10.98 -19.04 -12.00
C ALA A 90 -12.23 -18.38 -12.51
N ASP A 91 -13.34 -18.45 -11.76
N ASP A 91 -13.35 -18.50 -11.79
CA ASP A 91 -14.56 -17.87 -12.29
CA ASP A 91 -14.59 -17.86 -12.21
C ASP A 91 -14.49 -16.34 -12.38
C ASP A 91 -14.44 -16.36 -12.41
N VAL A 92 -13.68 -15.69 -11.54
CA VAL A 92 -13.50 -14.25 -11.67
C VAL A 92 -12.74 -13.95 -12.95
N LEU A 93 -11.69 -14.71 -13.23
CA LEU A 93 -10.92 -14.52 -14.45
C LEU A 93 -11.71 -14.87 -15.71
N ASP A 94 -12.71 -15.75 -15.59
CA ASP A 94 -13.62 -16.00 -16.71
C ASP A 94 -14.55 -14.83 -16.94
N GLY A 95 -14.99 -14.15 -15.87
CA GLY A 95 -16.09 -13.19 -15.95
C GLY A 95 -15.69 -11.74 -16.08
N TYR A 96 -14.42 -11.40 -15.87
CA TYR A 96 -14.02 -10.00 -15.92
C TYR A 96 -12.75 -9.82 -16.72
N ASP A 97 -12.69 -8.73 -17.49
CA ASP A 97 -11.40 -8.20 -17.90
C ASP A 97 -10.75 -7.57 -16.67
N VAL A 98 -9.56 -8.03 -16.30
CA VAL A 98 -8.86 -7.45 -15.15
C VAL A 98 -7.94 -6.37 -15.67
N VAL A 99 -8.15 -5.13 -15.26
CA VAL A 99 -7.41 -3.99 -15.77
C VAL A 99 -6.76 -3.26 -14.61
N GLY A 100 -5.43 -3.33 -14.50
CA GLY A 100 -4.70 -2.60 -13.49
C GLY A 100 -4.09 -1.34 -14.07
N PHE A 101 -3.82 -0.37 -13.20
CA PHE A 101 -3.23 0.88 -13.67
C PHE A 101 -2.11 1.32 -12.73
N ASP A 102 -1.16 2.06 -13.29
CA ASP A 102 -0.16 2.76 -12.51
C ASP A 102 -0.68 4.17 -12.25
N HIS A 103 -0.86 4.55 -10.98
CA HIS A 103 -1.40 5.87 -10.74
C HIS A 103 -0.49 6.96 -11.28
N ARG A 104 -1.09 8.12 -11.56
CA ARG A 104 -0.35 9.25 -12.07
C ARG A 104 0.91 9.49 -11.24
N PHE A 105 2.00 9.76 -11.94
CA PHE A 105 3.30 10.08 -11.33
C PHE A 105 3.85 8.90 -10.54
N SER A 106 3.75 7.71 -11.13
CA SER A 106 4.36 6.49 -10.56
C SER A 106 4.49 5.47 -11.67
N GLY A 107 5.33 4.46 -11.44
CA GLY A 107 5.35 3.34 -12.37
C GLY A 107 5.69 3.77 -13.77
N GLY A 108 4.87 3.36 -14.71
CA GLY A 108 4.97 3.80 -16.09
C GLY A 108 4.11 4.98 -16.45
N SER A 109 3.53 5.66 -15.47
CA SER A 109 2.68 6.82 -15.67
C SER A 109 3.43 8.07 -15.25
N ALA A 110 4.30 8.58 -16.12
CA ALA A 110 5.04 9.81 -15.85
C ALA A 110 5.75 9.79 -14.50
N PRO A 111 6.55 8.76 -14.21
CA PRO A 111 7.25 8.71 -12.92
C PRO A 111 8.19 9.91 -12.75
N LEU A 112 8.38 10.31 -11.51
CA LEU A 112 9.19 11.48 -11.21
C LEU A 112 10.57 11.07 -10.71
N SER A 113 11.56 11.87 -11.07
CA SER A 113 12.93 11.66 -10.61
C SER A 113 13.42 13.01 -10.10
N CYS A 114 13.90 13.02 -8.85
CA CYS A 114 14.19 14.29 -8.19
C CYS A 114 15.61 14.34 -7.64
N GLY A 115 16.43 13.34 -7.92
CA GLY A 115 17.77 13.33 -7.38
C GLY A 115 17.86 12.87 -5.95
N LEU A 116 16.84 12.22 -5.41
CA LEU A 116 16.92 11.73 -4.04
C LEU A 116 17.92 10.60 -3.92
N THR A 117 18.65 10.59 -2.80
CA THR A 117 19.57 9.49 -2.53
C THR A 117 18.81 8.33 -1.91
N PRO A 118 19.39 7.10 -1.95
CA PRO A 118 18.64 5.94 -1.40
C PRO A 118 18.18 6.13 0.03
N ASP A 119 18.95 6.83 0.86
CA ASP A 119 18.53 7.10 2.22
C ASP A 119 17.27 7.98 2.27
N GLN A 120 17.20 8.98 1.40
CA GLN A 120 16.00 9.81 1.27
C GLN A 120 14.82 9.03 0.73
N TRP A 121 15.04 7.95 -0.04
CA TRP A 121 13.92 7.15 -0.52
C TRP A 121 13.16 6.57 0.64
N LEU A 122 13.85 6.32 1.76
CA LEU A 122 13.22 5.76 2.96
C LEU A 122 12.82 6.85 3.97
N TRP A 123 12.38 8.01 3.47
CA TRP A 123 11.99 9.09 4.36
C TRP A 123 10.90 8.70 5.34
N ILE A 124 9.98 7.80 4.98
CA ILE A 124 8.91 7.43 5.90
C ILE A 124 9.50 6.77 7.14
N PHE A 125 10.43 5.83 6.94
CA PHE A 125 10.90 4.97 8.02
C PHE A 125 12.22 5.43 8.61
N HIS A 126 12.75 6.53 8.13
CA HIS A 126 14.07 6.97 8.49
C HIS A 126 14.20 7.14 9.99
N ARG A 127 15.19 6.48 10.52
CA ARG A 127 15.42 6.57 11.93
C ARG A 127 16.03 7.93 12.28
N PRO A 128 15.44 8.70 13.20
CA PRO A 128 15.96 10.02 13.53
C PRO A 128 16.97 10.04 14.67
N GLN A 129 17.71 11.14 14.72
CA GLN A 129 18.66 11.46 15.77
C GLN A 129 18.04 12.36 16.84
N ASP A 130 17.42 13.45 16.41
CA ASP A 130 16.68 14.35 17.27
C ASP A 130 15.73 15.14 16.39
N VAL A 131 14.87 15.93 17.03
CA VAL A 131 13.86 16.67 16.28
C VAL A 131 14.51 17.65 15.31
N GLU A 132 15.60 18.32 15.74
CA GLU A 132 16.19 19.36 14.88
C GLU A 132 16.85 18.76 13.64
N SER A 133 17.68 17.74 13.83
CA SER A 133 18.32 17.11 12.68
C SER A 133 17.30 16.46 11.76
N GLU A 134 16.25 15.87 12.33
CA GLU A 134 15.25 15.21 11.49
C GLU A 134 14.42 16.22 10.71
N ALA A 135 14.09 17.35 11.32
CA ALA A 135 13.43 18.42 10.57
C ALA A 135 14.28 18.80 9.37
N ARG A 136 15.60 18.92 9.55
CA ARG A 136 16.47 19.24 8.42
C ARG A 136 16.45 18.15 7.37
N PHE A 137 16.55 16.89 7.80
CA PHE A 137 16.55 15.77 6.86
C PHE A 137 15.25 15.74 6.06
N GLN A 138 14.13 15.88 6.76
CA GLN A 138 12.84 15.74 6.07
C GLN A 138 12.56 16.94 5.17
N ARG A 139 12.93 18.14 5.63
CA ARG A 139 12.75 19.30 4.78
C ARG A 139 13.59 19.20 3.52
N ALA A 140 14.81 18.63 3.61
CA ALA A 140 15.65 18.51 2.43
C ALA A 140 15.02 17.62 1.39
N VAL A 141 14.30 16.57 1.80
CA VAL A 141 13.57 15.74 0.87
C VAL A 141 12.53 16.59 0.12
N VAL A 142 11.74 17.36 0.87
CA VAL A 142 10.71 18.21 0.27
C VAL A 142 11.33 19.20 -0.72
N GLU A 143 12.41 19.85 -0.29
CA GLU A 143 13.06 20.86 -1.12
C GLU A 143 13.53 20.26 -2.44
N ARG A 144 14.18 19.12 -2.37
CA ARG A 144 14.67 18.49 -3.58
C ARG A 144 13.53 18.13 -4.51
N CYS A 145 12.43 17.60 -3.95
CA CYS A 145 11.34 17.17 -4.81
C CYS A 145 10.61 18.35 -5.44
N PHE A 146 10.39 19.43 -4.68
CA PHE A 146 9.74 20.61 -5.27
C PHE A 146 10.66 21.30 -6.26
N ASP A 147 11.97 21.31 -6.01
CA ASP A 147 12.85 21.91 -7.00
C ASP A 147 12.72 21.21 -8.34
N ALA A 148 12.62 19.89 -8.33
CA ALA A 148 12.61 19.10 -9.55
C ALA A 148 11.22 18.91 -10.15
N ALA A 149 10.18 18.86 -9.32
CA ALA A 149 8.85 18.44 -9.75
C ALA A 149 7.75 19.26 -9.09
N GLY A 150 8.05 20.47 -8.64
CA GLY A 150 7.05 21.29 -7.98
C GLY A 150 5.91 21.73 -8.87
N ASP A 151 6.12 21.69 -10.18
CA ASP A 151 5.05 21.99 -11.11
C ASP A 151 3.93 20.95 -11.08
N VAL A 152 4.26 19.66 -10.84
CA VAL A 152 3.27 18.61 -10.91
C VAL A 152 2.91 18.03 -9.54
N LEU A 153 3.79 18.12 -8.53
CA LEU A 153 3.46 17.53 -7.23
C LEU A 153 2.14 18.00 -6.66
N PRO A 154 1.71 19.25 -6.83
CA PRO A 154 0.40 19.64 -6.29
C PRO A 154 -0.77 18.91 -6.91
N TYR A 155 -0.54 18.19 -8.02
CA TYR A 155 -1.57 17.44 -8.71
C TYR A 155 -1.45 15.95 -8.45
N LEU A 156 -0.60 15.55 -7.50
CA LEU A 156 -0.50 14.16 -7.09
C LEU A 156 -1.23 14.01 -5.76
N THR A 157 -2.52 13.68 -5.84
CA THR A 157 -3.37 13.48 -4.65
C THR A 157 -4.30 12.31 -4.94
N SER A 158 -4.84 11.74 -3.88
CA SER A 158 -5.77 10.61 -4.02
C SER A 158 -7.02 10.98 -4.81
N ARG A 159 -7.56 12.20 -4.58
CA ARG A 159 -8.74 12.61 -5.33
C ARG A 159 -8.42 12.77 -6.83
N ASP A 160 -7.22 13.25 -7.17
CA ASP A 160 -6.87 13.34 -8.59
C ASP A 160 -6.72 11.96 -9.21
N ILE A 161 -6.20 10.98 -8.45
CA ILE A 161 -6.14 9.61 -8.93
C ILE A 161 -7.55 9.07 -9.18
N ALA A 162 -8.48 9.36 -8.27
CA ALA A 162 -9.87 8.94 -8.46
C ALA A 162 -10.47 9.55 -9.72
N ARG A 163 -10.17 10.82 -9.99
CA ARG A 163 -10.63 11.43 -11.24
C ARG A 163 -10.05 10.71 -12.45
N ASP A 164 -8.79 10.31 -12.38
CA ASP A 164 -8.19 9.53 -13.45
C ASP A 164 -8.89 8.20 -13.62
N MET A 165 -9.25 7.54 -12.50
CA MET A 165 -9.95 6.25 -12.55
C MET A 165 -11.23 6.42 -13.37
N ASP A 166 -11.95 7.54 -13.18
CA ASP A 166 -13.19 7.72 -13.92
C ASP A 166 -12.94 8.00 -15.40
N VAL A 167 -11.85 8.69 -15.76
CA VAL A 167 -11.47 8.81 -17.16
C VAL A 167 -11.19 7.44 -17.76
N ILE A 168 -10.43 6.60 -17.01
CA ILE A 168 -10.13 5.26 -17.49
C ILE A 168 -11.41 4.48 -17.72
N ARG A 169 -12.33 4.55 -16.75
CA ARG A 169 -13.62 3.88 -16.89
C ARG A 169 -14.31 4.29 -18.18
N ARG A 170 -14.38 5.59 -18.44
CA ARG A 170 -15.01 6.07 -19.67
C ARG A 170 -14.28 5.58 -20.90
N ALA A 171 -12.94 5.59 -20.88
CA ALA A 171 -12.19 5.09 -22.02
C ALA A 171 -12.51 3.62 -22.29
N LEU A 172 -12.70 2.83 -21.23
CA LEU A 172 -13.05 1.42 -21.34
C LEU A 172 -14.49 1.19 -21.79
N GLY A 173 -15.32 2.25 -21.81
CA GLY A 173 -16.69 2.09 -22.27
C GLY A 173 -17.62 1.40 -21.30
N GLU A 174 -17.37 1.47 -20.00
CA GLU A 174 -18.19 0.81 -18.97
C GLU A 174 -18.95 1.87 -18.18
N ASP A 175 -20.28 1.98 -18.36
CA ASP A 175 -21.04 2.91 -17.55
C ASP A 175 -20.93 2.56 -16.08
N ARG A 176 -20.95 1.26 -15.75
CA ARG A 176 -20.71 0.80 -14.40
C ARG A 176 -19.57 -0.20 -14.45
N ILE A 177 -18.53 0.06 -13.69
CA ILE A 177 -17.32 -0.74 -13.68
C ILE A 177 -17.17 -1.35 -12.29
N SER A 178 -16.55 -2.53 -12.22
CA SER A 178 -16.23 -3.13 -10.95
C SER A 178 -14.81 -2.73 -10.53
N TYR A 179 -14.51 -2.91 -9.25
CA TYR A 179 -13.22 -2.46 -8.73
C TYR A 179 -12.76 -3.40 -7.64
N LEU A 180 -11.44 -3.66 -7.63
CA LEU A 180 -10.77 -4.34 -6.52
C LEU A 180 -9.57 -3.51 -6.13
N GLY A 181 -9.40 -3.26 -4.84
CA GLY A 181 -8.21 -2.55 -4.40
C GLY A 181 -7.82 -3.00 -3.01
N HIS A 182 -6.53 -3.04 -2.77
CA HIS A 182 -5.93 -3.51 -1.52
C HIS A 182 -5.19 -2.35 -0.87
N SER A 183 -5.34 -2.17 0.45
CA SER A 183 -4.45 -1.25 1.17
C SER A 183 -4.64 0.17 0.63
N TYR A 184 -3.63 0.83 0.06
CA TYR A 184 -3.89 2.13 -0.54
C TYR A 184 -4.98 2.04 -1.62
N GLY A 185 -5.04 0.92 -2.34
CA GLY A 185 -6.09 0.73 -3.33
C GLY A 185 -7.48 0.64 -2.72
N SER A 186 -7.59 0.24 -1.44
CA SER A 186 -8.90 0.30 -0.78
C SER A 186 -9.32 1.74 -0.64
N TYR A 187 -8.39 2.63 -0.30
CA TYR A 187 -8.69 4.04 -0.15
C TYR A 187 -9.03 4.67 -1.51
N LEU A 188 -8.24 4.37 -2.55
CA LEU A 188 -8.60 4.86 -3.88
C LEU A 188 -10.00 4.42 -4.28
N GLY A 189 -10.34 3.14 -4.02
CA GLY A 189 -11.68 2.68 -4.34
C GLY A 189 -12.75 3.41 -3.55
N ALA A 190 -12.53 3.61 -2.25
CA ALA A 190 -13.49 4.33 -1.43
C ALA A 190 -13.67 5.76 -1.97
N VAL A 191 -12.57 6.46 -2.22
CA VAL A 191 -12.65 7.83 -2.72
C VAL A 191 -13.36 7.87 -4.06
N TRP A 192 -13.02 6.95 -4.99
CA TRP A 192 -13.69 6.92 -6.28
C TRP A 192 -15.18 6.63 -6.12
N THR A 193 -15.57 5.72 -5.22
CA THR A 193 -17.01 5.53 -5.03
C THR A 193 -17.67 6.77 -4.47
N GLN A 194 -16.99 7.52 -3.59
CA GLN A 194 -17.63 8.70 -3.02
C GLN A 194 -17.81 9.79 -4.07
N MET A 195 -16.92 9.87 -5.04
CA MET A 195 -16.96 10.90 -6.08
C MET A 195 -17.78 10.48 -7.28
N PHE A 196 -17.84 9.17 -7.59
CA PHE A 196 -18.33 8.65 -8.86
C PHE A 196 -19.16 7.39 -8.69
N GLY A 197 -19.70 7.13 -7.50
CA GLY A 197 -20.24 5.81 -7.17
C GLY A 197 -21.43 5.36 -7.98
N GLU A 198 -22.15 6.27 -8.62
CA GLU A 198 -23.20 5.85 -9.56
C GLU A 198 -22.63 5.03 -10.72
N HIS A 199 -21.33 5.08 -10.92
CA HIS A 199 -20.63 4.33 -11.96
C HIS A 199 -19.97 3.06 -11.44
N ALA A 200 -20.30 2.63 -10.22
CA ALA A 200 -19.77 1.39 -9.67
C ALA A 200 -20.73 0.24 -9.93
N ASP A 201 -20.19 -0.90 -10.35
CA ASP A 201 -20.95 -2.14 -10.48
C ASP A 201 -20.78 -2.90 -9.18
N ARG A 202 -19.72 -3.69 -9.04
CA ARG A 202 -19.40 -4.37 -7.80
C ARG A 202 -18.02 -3.93 -7.33
N VAL A 203 -17.84 -3.75 -6.03
CA VAL A 203 -16.62 -3.16 -5.49
C VAL A 203 -16.12 -3.99 -4.33
N VAL A 204 -14.85 -4.40 -4.36
CA VAL A 204 -14.21 -5.12 -3.26
C VAL A 204 -13.03 -4.31 -2.77
N LEU A 205 -13.05 -3.95 -1.47
CA LEU A 205 -11.95 -3.23 -0.84
C LEU A 205 -11.36 -4.17 0.21
N ASP A 206 -10.07 -4.47 0.08
CA ASP A 206 -9.40 -5.48 0.89
C ASP A 206 -8.27 -4.79 1.65
N SER A 207 -8.15 -5.09 2.96
CA SER A 207 -7.08 -4.56 3.80
C SER A 207 -7.25 -3.06 3.88
N VAL A 208 -8.19 -2.63 4.71
CA VAL A 208 -8.90 -1.39 4.50
C VAL A 208 -8.30 -0.27 5.33
N ILE A 209 -7.80 0.76 4.67
CA ILE A 209 -7.30 1.97 5.32
C ILE A 209 -8.42 2.65 6.06
N ASP A 210 -8.12 3.09 7.30
CA ASP A 210 -9.07 3.85 8.07
C ASP A 210 -9.09 5.28 7.52
N PRO A 211 -10.20 5.76 6.97
CA PRO A 211 -10.18 7.17 6.54
C PRO A 211 -9.82 8.14 7.67
N SER A 212 -10.15 7.81 8.89
CA SER A 212 -9.83 8.77 9.91
CA SER A 212 -9.83 8.74 9.97
C SER A 212 -8.34 8.90 10.16
N SER A 213 -7.54 8.01 9.58
CA SER A 213 -6.11 7.98 9.81
CA SER A 213 -6.11 7.98 9.81
C SER A 213 -5.31 8.76 8.78
N VAL A 214 -5.95 9.27 7.72
CA VAL A 214 -5.22 9.90 6.62
C VAL A 214 -4.53 11.18 7.09
N TRP A 215 -3.21 11.30 6.98
CA TRP A 215 -2.22 10.23 6.86
C TRP A 215 -1.35 10.14 8.11
N ARG A 216 -1.12 11.22 8.87
CA ARG A 216 -0.16 11.11 9.97
C ARG A 216 -0.60 10.06 10.99
N ARG A 217 -1.89 9.98 11.28
CA ARG A 217 -2.33 8.98 12.25
CA ARG A 217 -2.32 8.99 12.26
C ARG A 217 -1.97 7.56 11.81
N MET A 218 -2.01 7.29 10.51
CA MET A 218 -1.58 5.99 10.02
C MET A 218 -0.13 5.71 10.38
N PHE A 219 0.73 6.72 10.25
CA PHE A 219 2.13 6.53 10.65
C PHE A 219 2.20 6.17 12.13
N LEU A 220 1.48 6.93 12.96
CA LEU A 220 1.53 6.63 14.39
C LEU A 220 1.08 5.20 14.66
N ASP A 221 0.04 4.77 13.97
CA ASP A 221 -0.49 3.41 14.15
C ASP A 221 0.49 2.35 13.68
N TYR A 222 1.27 2.62 12.65
CA TYR A 222 2.32 1.68 12.24
C TYR A 222 3.20 1.36 13.45
N ALA A 223 3.56 2.38 14.24
CA ALA A 223 4.46 2.11 15.36
C ALA A 223 3.80 1.21 16.40
N VAL A 224 2.52 1.42 16.68
CA VAL A 224 1.79 0.58 17.63
C VAL A 224 1.71 -0.84 17.13
N SER A 225 1.32 -1.00 15.86
CA SER A 225 1.19 -2.33 15.28
C SER A 225 2.53 -3.04 15.25
N CYS A 226 3.60 -2.35 14.82
CA CYS A 226 4.91 -2.99 14.75
C CYS A 226 5.36 -3.45 16.11
N GLU A 227 5.16 -2.61 17.12
CA GLU A 227 5.68 -2.95 18.43
C GLU A 227 5.00 -4.21 18.92
N ALA A 228 3.69 -4.28 18.78
CA ALA A 228 2.97 -5.42 19.30
C ALA A 228 3.33 -6.69 18.55
N ALA A 229 3.46 -6.61 17.22
CA ALA A 229 3.83 -7.77 16.44
C ALA A 229 5.24 -8.23 16.80
N LEU A 230 6.15 -7.28 17.00
CA LEU A 230 7.52 -7.64 17.35
C LEU A 230 7.56 -8.34 18.71
N GLU A 231 6.72 -7.91 19.65
CA GLU A 231 6.68 -8.58 20.95
C GLU A 231 6.23 -10.02 20.78
N ARG A 232 5.21 -10.25 19.94
CA ARG A 232 4.76 -11.61 19.67
C ARG A 232 5.81 -12.45 18.96
N TRP A 233 6.46 -11.87 17.93
CA TRP A 233 7.50 -12.59 17.22
C TRP A 233 8.65 -12.96 18.15
N ALA A 234 8.99 -12.07 19.09
CA ALA A 234 10.06 -12.39 20.04
C ALA A 234 9.75 -13.63 20.85
N HIS A 235 8.47 -13.84 21.22
CA HIS A 235 8.09 -15.08 21.87
C HIS A 235 8.21 -16.28 20.93
N TRP A 236 7.76 -16.13 19.68
CA TRP A 236 7.88 -17.18 18.68
C TRP A 236 9.34 -17.58 18.47
N ALA A 237 10.23 -16.58 18.47
CA ALA A 237 11.65 -16.82 18.25
C ALA A 237 12.29 -17.45 19.48
N ALA A 238 11.84 -17.05 20.66
CA ALA A 238 12.39 -17.61 21.89
C ALA A 238 12.11 -19.11 22.00
N GLU A 239 10.99 -19.58 21.43
CA GLU A 239 10.68 -21.00 21.42
C GLU A 239 11.55 -21.78 20.43
N ARG A 240 12.28 -21.06 19.57
CA ARG A 240 13.13 -21.61 18.52
C ARG A 240 14.60 -21.29 18.79
N ASP A 241 14.98 -21.20 20.08
CA ASP A 241 16.37 -20.89 20.40
C ASP A 241 17.31 -21.98 19.89
N GLY A 242 16.82 -23.22 19.79
CA GLY A 242 17.65 -24.28 19.23
C GLY A 242 18.19 -23.94 17.86
N GLU A 243 17.32 -23.43 16.97
CA GLU A 243 17.77 -23.10 15.63
C GLU A 243 18.31 -21.67 15.51
N LEU A 244 17.79 -20.73 16.29
CA LEU A 244 18.10 -19.32 16.07
C LEU A 244 19.17 -18.79 17.01
N ASP A 245 19.30 -19.37 18.21
CA ASP A 245 20.29 -18.95 19.21
C ASP A 245 20.20 -17.44 19.48
N LEU A 246 18.95 -16.95 19.60
CA LEU A 246 18.71 -15.54 19.89
C LEU A 246 18.24 -15.34 21.33
N GLY A 247 17.97 -16.42 22.06
CA GLY A 247 17.54 -16.32 23.45
C GLY A 247 16.34 -17.19 23.71
N ARG A 248 16.16 -17.60 24.98
CA ARG A 248 15.07 -18.50 25.32
C ARG A 248 13.85 -17.78 25.89
N ASP A 249 13.91 -16.45 26.02
CA ASP A 249 12.74 -15.66 26.39
C ASP A 249 12.66 -14.44 25.49
N ALA A 250 11.46 -13.88 25.39
CA ALA A 250 11.23 -12.76 24.49
C ALA A 250 12.10 -11.54 24.79
N PRO A 251 12.30 -11.10 26.04
CA PRO A 251 13.18 -9.94 26.26
C PRO A 251 14.60 -10.16 25.74
N THR A 252 15.15 -11.36 25.90
CA THR A 252 16.48 -11.62 25.39
C THR A 252 16.54 -11.54 23.87
N VAL A 253 15.55 -12.11 23.20
CA VAL A 253 15.51 -12.02 21.73
C VAL A 253 15.43 -10.56 21.30
N ARG A 254 14.51 -9.80 21.89
CA ARG A 254 14.32 -8.41 21.50
C ARG A 254 15.59 -7.59 21.76
N ALA A 255 16.29 -7.83 22.87
CA ALA A 255 17.54 -7.13 23.12
C ALA A 255 18.57 -7.42 22.04
N ALA A 256 18.61 -8.67 21.55
CA ALA A 256 19.56 -9.00 20.48
C ALA A 256 19.21 -8.24 19.20
N LEU A 257 17.93 -8.18 18.85
CA LEU A 257 17.50 -7.43 17.68
C LEU A 257 17.79 -5.95 17.82
N ASP A 258 17.48 -5.38 19.01
CA ASP A 258 17.73 -3.96 19.23
C ASP A 258 19.20 -3.64 19.10
N ALA A 259 20.07 -4.47 19.68
CA ALA A 259 21.50 -4.22 19.59
C ALA A 259 21.96 -4.30 18.13
N LEU A 260 21.46 -5.30 17.39
CA LEU A 260 21.77 -5.42 15.97
C LEU A 260 21.35 -4.17 15.19
N ALA A 261 20.12 -3.71 15.39
CA ALA A 261 19.64 -2.56 14.64
C ALA A 261 20.42 -1.30 15.02
N GLY A 262 20.78 -1.16 16.30
CA GLY A 262 21.57 -0.01 16.70
C GLY A 262 22.96 -0.02 16.07
N ARG A 263 23.58 -1.20 16.00
CA ARG A 263 24.85 -1.30 15.28
C ARG A 263 24.69 -0.87 13.82
N ALA A 264 23.60 -1.31 13.18
CA ALA A 264 23.35 -0.95 11.79
C ALA A 264 23.08 0.54 11.62
N ASP A 265 22.53 1.21 12.65
CA ASP A 265 22.34 2.65 12.55
C ASP A 265 23.68 3.40 12.46
N ARG A 266 24.72 2.83 13.04
CA ARG A 266 26.02 3.49 13.11
C ARG A 266 26.95 3.08 11.98
N GLU A 267 26.82 1.85 11.50
CA GLU A 267 27.64 1.36 10.41
C GLU A 267 26.80 0.30 9.72
N PRO A 268 26.51 0.46 8.43
CA PRO A 268 25.61 -0.50 7.80
C PRO A 268 26.21 -1.90 7.84
N LEU A 269 25.34 -2.88 7.95
CA LEU A 269 25.76 -4.26 7.97
C LEU A 269 25.90 -4.77 6.53
N PRO A 270 27.05 -5.30 6.12
CA PRO A 270 27.14 -5.89 4.78
C PRO A 270 26.40 -7.21 4.75
N VAL A 271 25.45 -7.32 3.84
CA VAL A 271 24.69 -8.56 3.68
C VAL A 271 24.72 -8.86 2.18
N ALA A 272 25.47 -9.89 1.78
CA ALA A 272 25.67 -10.20 0.37
C ALA A 272 26.15 -8.96 -0.40
N GLY A 273 27.05 -8.21 0.21
CA GLY A 273 27.64 -7.05 -0.44
C GLY A 273 26.76 -5.83 -0.49
N MET A 274 25.54 -5.88 0.10
CA MET A 274 24.59 -4.76 0.22
C MET A 274 24.75 -4.12 1.58
N PRO A 275 24.99 -2.80 1.69
CA PRO A 275 25.02 -2.15 3.02
C PRO A 275 23.61 -1.99 3.55
N VAL A 276 23.29 -2.70 4.63
CA VAL A 276 21.96 -2.68 5.23
C VAL A 276 22.05 -1.81 6.49
N ASP A 277 21.46 -0.61 6.46
CA ASP A 277 21.49 0.24 7.64
C ASP A 277 20.29 -0.06 8.52
N GLY A 278 20.18 0.67 9.64
CA GLY A 278 19.13 0.37 10.60
C GLY A 278 17.75 0.65 10.06
N THR A 279 17.60 1.74 9.27
CA THR A 279 16.30 2.04 8.67
C THR A 279 15.86 0.87 7.78
N MET A 280 16.79 0.39 6.94
CA MET A 280 16.47 -0.75 6.07
C MET A 280 16.15 -1.99 6.86
N LEU A 281 16.95 -2.28 7.89
CA LEU A 281 16.71 -3.48 8.68
C LEU A 281 15.35 -3.44 9.38
N ARG A 282 14.96 -2.28 9.94
CA ARG A 282 13.67 -2.19 10.63
C ARG A 282 12.50 -2.28 9.67
N LEU A 283 12.64 -1.69 8.46
CA LEU A 283 11.61 -1.81 7.45
C LEU A 283 11.45 -3.25 6.98
N PHE A 284 12.57 -3.91 6.68
CA PHE A 284 12.52 -5.32 6.33
C PHE A 284 11.83 -6.13 7.43
N THR A 285 12.19 -5.85 8.69
CA THR A 285 11.59 -6.53 9.82
C THR A 285 10.06 -6.34 9.82
N MET A 286 9.60 -5.10 9.66
CA MET A 286 8.16 -4.84 9.69
CA MET A 286 8.16 -4.87 9.72
C MET A 286 7.44 -5.59 8.58
N VAL A 287 8.02 -5.59 7.38
CA VAL A 287 7.39 -6.29 6.27
C VAL A 287 7.30 -7.79 6.55
N LEU A 288 8.37 -8.40 7.05
CA LEU A 288 8.33 -9.82 7.35
C LEU A 288 7.36 -10.11 8.49
N LEU A 289 7.29 -9.23 9.49
CA LEU A 289 6.36 -9.44 10.60
C LEU A 289 4.93 -9.49 10.11
N SER A 290 4.61 -8.77 9.04
CA SER A 290 3.22 -8.60 8.60
C SER A 290 2.59 -9.88 8.08
N SER A 291 3.35 -10.94 7.83
CA SER A 291 2.76 -12.21 7.44
C SER A 291 3.37 -13.28 8.31
N ASP A 292 2.54 -14.03 9.03
CA ASP A 292 3.16 -15.06 9.87
C ASP A 292 3.85 -16.12 9.06
N ARG A 293 3.50 -16.28 7.78
CA ARG A 293 4.20 -17.19 6.89
C ARG A 293 5.61 -16.72 6.57
N ALA A 294 5.96 -15.47 6.88
CA ALA A 294 7.29 -14.92 6.64
C ALA A 294 8.13 -14.84 7.92
N TRP A 295 7.63 -15.31 9.05
CA TRP A 295 8.37 -15.16 10.29
C TRP A 295 9.67 -15.94 10.28
N GLY A 296 9.74 -17.04 9.53
CA GLY A 296 11.00 -17.77 9.41
C GLY A 296 12.08 -16.98 8.70
N PHE A 297 11.71 -16.19 7.68
CA PHE A 297 12.69 -15.31 7.03
C PHE A 297 13.26 -14.34 8.05
N LEU A 298 12.40 -13.82 8.95
CA LEU A 298 12.88 -12.86 9.94
C LEU A 298 13.81 -13.55 10.94
N GLY A 299 13.44 -14.72 11.42
CA GLY A 299 14.36 -15.49 12.25
C GLY A 299 15.69 -15.70 11.56
N ASP A 300 15.65 -15.99 10.24
CA ASP A 300 16.88 -16.30 9.53
C ASP A 300 17.80 -15.09 9.42
N ILE A 301 17.25 -13.93 9.04
CA ILE A 301 18.11 -12.76 8.88
C ILE A 301 18.65 -12.31 10.22
N VAL A 302 17.83 -12.36 11.29
CA VAL A 302 18.32 -11.91 12.58
C VAL A 302 19.39 -12.87 13.11
N ARG A 303 19.13 -14.18 13.03
CA ARG A 303 20.14 -15.19 13.38
C ARG A 303 21.44 -14.92 12.62
N ALA A 304 21.35 -14.79 11.29
CA ALA A 304 22.56 -14.67 10.50
C ALA A 304 23.32 -13.40 10.86
N ALA A 305 22.60 -12.28 10.98
CA ALA A 305 23.25 -11.00 11.19
C ALA A 305 23.84 -10.89 12.59
N VAL A 306 23.16 -11.44 13.59
CA VAL A 306 23.67 -11.40 14.97
C VAL A 306 24.93 -12.24 15.08
N HIS A 307 24.94 -13.43 14.47
CA HIS A 307 26.04 -14.38 14.64
C HIS A 307 27.16 -14.23 13.60
N GLY A 308 27.02 -13.34 12.63
CA GLY A 308 28.03 -13.26 11.59
C GLY A 308 28.03 -14.43 10.64
N ASP A 309 26.92 -15.13 10.51
CA ASP A 309 26.77 -16.28 9.64
C ASP A 309 25.96 -15.86 8.42
N GLU A 310 25.86 -16.77 7.45
CA GLU A 310 25.16 -16.41 6.23
C GLU A 310 23.69 -16.74 6.29
N ALA A 311 22.87 -15.80 5.81
CA ALA A 311 21.44 -16.08 5.70
C ALA A 311 21.19 -17.01 4.52
N ALA A 312 20.02 -17.64 4.54
CA ALA A 312 19.61 -18.49 3.43
C ALA A 312 19.51 -17.67 2.15
N PRO A 313 19.78 -18.28 0.99
CA PRO A 313 19.67 -17.50 -0.26
C PRO A 313 18.30 -16.88 -0.47
N SER A 314 17.23 -17.58 -0.10
CA SER A 314 15.90 -16.99 -0.27
C SER A 314 15.74 -15.73 0.58
N THR A 315 16.28 -15.72 1.80
CA THR A 315 16.25 -14.52 2.64
C THR A 315 17.00 -13.39 1.96
N LEU A 316 18.17 -13.70 1.42
CA LEU A 316 18.97 -12.70 0.71
C LEU A 316 18.22 -12.14 -0.50
N ARG A 317 17.55 -13.01 -1.25
CA ARG A 317 16.83 -12.55 -2.42
C ARG A 317 15.67 -11.65 -2.02
N ALA A 318 15.05 -11.89 -0.86
CA ALA A 318 14.03 -10.98 -0.36
C ALA A 318 14.59 -9.58 -0.06
N LEU A 319 15.79 -9.52 0.51
CA LEU A 319 16.44 -8.22 0.69
C LEU A 319 16.78 -7.60 -0.66
N GLY A 320 17.26 -8.41 -1.60
CA GLY A 320 17.56 -7.89 -2.93
C GLY A 320 16.33 -7.37 -3.64
N ALA A 321 15.19 -8.04 -3.47
CA ALA A 321 13.97 -7.55 -4.10
C ALA A 321 13.53 -6.22 -3.48
N MET A 322 13.77 -6.03 -2.17
CA MET A 322 13.31 -4.83 -1.49
C MET A 322 14.20 -3.63 -1.73
N PHE A 323 15.51 -3.84 -1.76
CA PHE A 323 16.45 -2.76 -1.76
C PHE A 323 17.43 -2.79 -2.90
N GLY A 324 17.38 -3.81 -3.75
CA GLY A 324 18.34 -4.00 -4.82
C GLY A 324 17.99 -3.27 -6.09
N ARG A 325 18.43 -3.84 -7.20
CA ARG A 325 18.38 -3.15 -8.48
C ARG A 325 16.96 -2.72 -8.87
N GLY A 326 15.96 -3.48 -8.50
CA GLY A 326 14.59 -3.08 -8.86
C GLY A 326 13.95 -1.95 -8.07
N LYS A 327 14.57 -1.50 -6.98
CA LYS A 327 13.99 -0.41 -6.21
C LYS A 327 14.07 0.90 -6.99
N GLU A 328 12.95 1.64 -7.08
CA GLU A 328 12.83 2.88 -7.88
C GLU A 328 12.64 4.10 -6.98
N GLU A 329 13.43 5.15 -7.21
CA GLU A 329 13.19 6.47 -6.60
C GLU A 329 11.75 6.97 -6.78
N SER A 330 11.18 6.70 -7.95
CA SER A 330 9.88 7.24 -8.27
C SER A 330 8.84 6.85 -7.23
N GLY A 331 8.96 5.66 -6.63
CA GLY A 331 7.98 5.26 -5.63
C GLY A 331 7.99 6.15 -4.42
N ALA A 332 9.19 6.57 -3.99
CA ALA A 332 9.33 7.43 -2.81
C ALA A 332 8.76 8.82 -3.06
N VAL A 333 8.94 9.35 -4.27
CA VAL A 333 8.37 10.66 -4.60
C VAL A 333 6.86 10.57 -4.65
N ALA A 334 6.32 9.46 -5.19
CA ALA A 334 4.88 9.26 -5.22
C ALA A 334 4.34 9.20 -3.79
N GLN A 335 5.01 8.46 -2.91
CA GLN A 335 4.60 8.43 -1.50
C GLN A 335 4.59 9.84 -0.94
N LEU A 336 5.63 10.62 -1.23
CA LEU A 336 5.69 11.98 -0.70
C LEU A 336 4.48 12.78 -1.13
N GLY A 337 4.17 12.77 -2.44
CA GLY A 337 3.05 13.57 -2.90
C GLY A 337 1.73 13.19 -2.27
N VAL A 338 1.43 11.89 -2.26
CA VAL A 338 0.15 11.46 -1.72
C VAL A 338 0.08 11.71 -0.23
N LEU A 339 1.09 11.24 0.51
CA LEU A 339 1.03 11.23 1.95
C LEU A 339 1.15 12.62 2.55
N CYS A 340 1.86 13.53 1.89
CA CYS A 340 1.98 14.91 2.34
C CYS A 340 0.92 15.82 1.77
N GLY A 341 0.40 15.50 0.58
CA GLY A 341 -0.50 16.37 -0.17
C GLY A 341 -1.96 16.17 0.13
N ASP A 342 -2.39 14.97 0.54
CA ASP A 342 -3.82 14.73 0.67
C ASP A 342 -4.42 15.53 1.82
N ALA A 343 -3.63 15.80 2.85
CA ALA A 343 -4.08 16.52 4.04
C ALA A 343 -2.90 17.28 4.61
N ALA A 344 -3.19 18.43 5.20
CA ALA A 344 -2.14 19.20 5.84
C ALA A 344 -1.69 18.50 7.12
N TRP A 345 -0.39 18.23 7.22
CA TRP A 345 0.21 17.75 8.45
C TRP A 345 0.32 18.90 9.46
N PRO A 346 0.35 18.57 10.76
CA PRO A 346 0.56 19.61 11.77
C PRO A 346 1.85 20.35 11.50
N ARG A 347 1.80 21.68 11.62
CA ARG A 347 2.99 22.48 11.38
C ARG A 347 3.81 22.73 12.67
N ASP A 348 3.20 22.62 13.87
CA ASP A 348 3.82 22.96 15.18
C ASP A 348 4.96 21.96 15.46
N MET A 349 6.23 22.40 15.51
CA MET A 349 7.30 21.49 15.90
C MET A 349 7.11 20.94 17.30
N GLU A 350 6.38 21.66 18.17
CA GLU A 350 6.14 21.12 19.50
C GLU A 350 5.27 19.87 19.46
N VAL A 351 4.36 19.74 18.48
CA VAL A 351 3.61 18.50 18.36
C VAL A 351 4.56 17.33 18.18
N TYR A 352 5.53 17.50 17.30
CA TYR A 352 6.47 16.42 17.03
C TYR A 352 7.40 16.17 18.22
N ARG A 353 7.84 17.22 18.89
CA ARG A 353 8.66 17.02 20.09
C ARG A 353 7.87 16.25 21.14
N ARG A 354 6.63 16.64 21.38
CA ARG A 354 5.78 15.95 22.34
C ARG A 354 5.62 14.49 21.96
N ASP A 355 5.30 14.24 20.71
CA ASP A 355 4.99 12.89 20.31
C ASP A 355 6.22 12.02 20.21
N LEU A 356 7.39 12.56 19.88
CA LEU A 356 8.61 11.75 19.96
C LEU A 356 8.85 11.26 21.38
N ALA A 357 8.63 12.13 22.36
CA ALA A 357 8.91 11.77 23.75
C ALA A 357 7.82 10.88 24.32
N GLY A 358 6.62 10.93 23.76
CA GLY A 358 5.48 10.20 24.26
C GLY A 358 5.27 8.94 23.44
N HIS A 359 4.43 9.04 22.39
CA HIS A 359 4.14 7.92 21.52
C HIS A 359 5.42 7.24 21.07
N GLY A 360 6.40 8.04 20.66
CA GLY A 360 7.61 7.50 20.10
C GLY A 360 8.32 6.59 21.08
N ALA A 361 8.43 7.05 22.32
CA ALA A 361 9.18 6.30 23.33
C ALA A 361 8.39 5.08 23.83
N ARG A 362 7.06 5.14 23.79
CA ARG A 362 6.22 4.02 24.17
C ARG A 362 6.27 2.88 23.15
N HIS A 363 6.67 3.17 21.92
CA HIS A 363 6.72 2.19 20.82
C HIS A 363 8.08 2.30 20.18
N PRO A 364 9.12 1.83 20.84
CA PRO A 364 10.46 2.29 20.47
C PRO A 364 11.01 1.72 19.18
N PHE A 365 10.45 0.65 18.61
CA PHE A 365 11.12 0.08 17.42
C PHE A 365 11.09 1.06 16.25
N ILE A 366 9.91 1.55 15.87
CA ILE A 366 9.80 2.57 14.83
C ILE A 366 9.03 3.80 15.32
N GLY A 367 8.70 3.88 16.62
CA GLY A 367 7.97 5.03 17.10
C GLY A 367 8.57 6.39 16.76
N PRO A 368 9.87 6.57 16.97
CA PRO A 368 10.46 7.88 16.65
C PRO A 368 10.36 8.23 15.17
N ALA A 369 10.57 7.24 14.28
CA ALA A 369 10.44 7.47 12.86
C ALA A 369 9.02 7.83 12.48
N MET A 370 8.04 7.31 13.22
CA MET A 370 6.67 7.60 12.88
CA MET A 370 6.67 7.60 12.87
C MET A 370 6.17 8.91 13.46
N ALA A 371 6.65 9.28 14.65
CA ALA A 371 6.06 10.36 15.43
C ALA A 371 6.76 11.68 15.25
N GLY A 372 7.96 11.69 14.69
CA GLY A 372 8.74 12.90 14.56
C GLY A 372 8.36 13.73 13.36
N PRO A 373 9.16 14.79 13.08
CA PRO A 373 8.75 15.84 12.11
C PRO A 373 8.95 15.42 10.66
N LYS A 374 7.97 14.72 10.13
CA LYS A 374 8.02 14.21 8.78
C LYS A 374 7.90 15.32 7.76
N ALA A 375 8.27 14.96 6.53
CA ALA A 375 8.23 15.86 5.37
C ALA A 375 6.95 16.68 5.28
N GLY A 376 5.80 16.06 5.58
CA GLY A 376 4.56 16.74 5.41
C GLY A 376 4.42 17.99 6.25
N ALA A 377 5.13 18.06 7.39
CA ALA A 377 5.06 19.26 8.23
C ALA A 377 5.58 20.48 7.50
N PHE A 378 6.43 20.28 6.48
CA PHE A 378 7.15 21.36 5.79
C PHE A 378 6.61 21.57 4.41
N TRP A 379 5.42 21.08 4.12
CA TRP A 379 4.94 21.12 2.74
C TRP A 379 4.78 22.56 2.28
N PRO A 380 5.19 22.90 1.05
CA PRO A 380 5.24 24.32 0.64
C PRO A 380 4.01 24.79 -0.12
N VAL A 381 2.99 23.95 -0.28
CA VAL A 381 1.74 24.39 -0.88
C VAL A 381 0.61 24.02 0.08
N PRO A 382 -0.48 24.77 0.09
CA PRO A 382 -1.65 24.40 0.89
C PRO A 382 -2.30 23.14 0.32
N PRO A 383 -3.15 22.47 1.09
CA PRO A 383 -3.96 21.39 0.50
C PRO A 383 -4.91 21.95 -0.55
N ALA A 384 -5.02 21.24 -1.67
CA ALA A 384 -5.84 21.73 -2.77
C ALA A 384 -7.33 21.61 -2.45
N GLU A 385 -7.71 20.54 -1.76
CA GLU A 385 -9.10 20.15 -1.50
C GLU A 385 -9.16 19.58 -0.10
N PRO A 386 -10.33 19.61 0.54
CA PRO A 386 -10.50 18.84 1.77
C PRO A 386 -10.23 17.36 1.54
N VAL A 387 -9.82 16.68 2.61
CA VAL A 387 -9.75 15.22 2.55
CA VAL A 387 -9.75 15.22 2.55
C VAL A 387 -11.14 14.66 2.29
N THR A 388 -11.22 13.58 1.51
CA THR A 388 -12.51 13.03 1.16
C THR A 388 -13.26 12.57 2.41
N VAL A 389 -14.53 12.93 2.48
CA VAL A 389 -15.42 12.47 3.55
C VAL A 389 -16.33 11.39 3.01
N LEU A 390 -16.16 10.16 3.50
CA LEU A 390 -17.02 9.06 3.13
CA LEU A 390 -16.99 9.02 3.15
C LEU A 390 -18.26 9.08 4.02
N GLY A 391 -19.41 8.80 3.42
CA GLY A 391 -20.63 8.86 4.21
C GLY A 391 -21.86 8.38 3.49
N ALA A 392 -23.02 8.75 4.06
CA ALA A 392 -24.30 8.15 3.69
C ALA A 392 -24.73 8.51 2.29
N ASP A 393 -24.16 9.55 1.69
CA ASP A 393 -24.44 9.95 0.33
C ASP A 393 -23.63 9.16 -0.69
N ASN A 394 -22.81 8.21 -0.29
CA ASN A 394 -22.04 7.42 -1.26
C ASN A 394 -23.03 6.63 -2.13
N ARG A 395 -22.90 6.78 -3.45
CA ARG A 395 -23.86 6.23 -4.39
C ARG A 395 -23.49 4.83 -4.90
N ALA A 396 -22.40 4.23 -4.46
CA ALA A 396 -22.14 2.87 -4.90
C ALA A 396 -23.28 1.95 -4.43
N GLU A 397 -23.77 1.10 -5.32
CA GLU A 397 -24.81 0.15 -4.94
C GLU A 397 -24.36 -0.76 -3.81
N SER A 398 -23.14 -1.31 -3.92
CA SER A 398 -22.65 -2.26 -2.94
C SER A 398 -21.13 -2.23 -2.89
N VAL A 399 -20.61 -2.51 -1.69
CA VAL A 399 -19.17 -2.59 -1.45
C VAL A 399 -18.93 -3.74 -0.48
N LEU A 400 -18.10 -4.69 -0.87
CA LEU A 400 -17.66 -5.76 0.01
C LEU A 400 -16.30 -5.38 0.58
N LEU A 401 -16.17 -5.42 1.89
CA LEU A 401 -14.90 -5.21 2.57
C LEU A 401 -14.34 -6.55 3.01
N VAL A 402 -13.04 -6.76 2.80
CA VAL A 402 -12.36 -7.99 3.19
C VAL A 402 -11.16 -7.64 4.05
N GLN A 403 -11.00 -8.30 5.19
CA GLN A 403 -10.03 -7.83 6.18
C GLN A 403 -9.47 -8.97 7.01
N SER A 404 -8.16 -9.00 7.17
CA SER A 404 -7.51 -9.91 8.12
CA SER A 404 -7.57 -9.93 8.12
C SER A 404 -7.68 -9.38 9.54
N GLU A 405 -7.90 -10.28 10.48
CA GLU A 405 -8.01 -9.87 11.86
C GLU A 405 -6.73 -9.23 12.37
N GLN A 406 -5.57 -9.69 11.90
CA GLN A 406 -4.27 -9.21 12.36
C GLN A 406 -3.46 -8.69 11.19
N ASP A 407 -3.59 -7.40 10.91
CA ASP A 407 -3.01 -6.77 9.73
C ASP A 407 -2.13 -5.63 10.17
N MET A 408 -0.81 -5.79 10.01
CA MET A 408 0.21 -4.79 10.35
C MET A 408 -0.02 -3.42 9.78
N PHE A 409 -0.33 -3.39 8.49
CA PHE A 409 -0.29 -2.15 7.73
C PHE A 409 -1.64 -1.49 7.62
N THR A 410 -2.72 -2.24 7.69
CA THR A 410 -4.09 -1.70 7.70
C THR A 410 -4.82 -2.48 8.76
N PRO A 411 -4.74 -2.02 10.02
CA PRO A 411 -5.40 -2.74 11.13
C PRO A 411 -6.89 -2.92 10.89
N ALA A 412 -7.44 -4.00 11.45
CA ALA A 412 -8.83 -4.34 11.24
C ALA A 412 -9.79 -3.22 11.68
N ARG A 413 -9.39 -2.38 12.64
CA ARG A 413 -10.26 -1.26 13.02
C ARG A 413 -10.62 -0.37 11.83
N GLY A 414 -9.74 -0.28 10.82
CA GLY A 414 -10.03 0.56 9.68
C GLY A 414 -11.17 0.02 8.85
N ALA A 415 -11.25 -1.31 8.71
CA ALA A 415 -12.39 -1.91 8.02
C ALA A 415 -13.66 -1.68 8.81
N ARG A 416 -13.60 -1.80 10.15
CA ARG A 416 -14.76 -1.50 10.99
CA ARG A 416 -14.79 -1.54 10.92
C ARG A 416 -15.22 -0.07 10.78
N ARG A 417 -14.26 0.86 10.71
CA ARG A 417 -14.62 2.25 10.52
C ARG A 417 -15.29 2.45 9.17
N MET A 418 -14.73 1.84 8.11
CA MET A 418 -15.35 1.95 6.81
C MET A 418 -16.77 1.39 6.82
N ARG A 419 -16.98 0.28 7.53
CA ARG A 419 -18.30 -0.33 7.62
C ARG A 419 -19.27 0.61 8.32
N GLU A 420 -18.80 1.48 9.23
CA GLU A 420 -19.63 2.49 9.88
C GLU A 420 -19.91 3.67 8.96
N LEU A 421 -18.87 4.22 8.34
CA LEU A 421 -19.03 5.38 7.48
C LEU A 421 -19.95 5.07 6.31
N LEU A 422 -19.80 3.88 5.74
CA LEU A 422 -20.59 3.42 4.60
C LEU A 422 -21.59 2.36 5.03
N ALA A 423 -22.25 2.60 6.15
CA ALA A 423 -23.13 1.58 6.72
C ALA A 423 -24.20 1.13 5.74
N HIS A 424 -24.68 2.05 4.89
CA HIS A 424 -25.81 1.76 4.02
C HIS A 424 -25.50 0.84 2.85
N ASN A 425 -24.24 0.66 2.46
CA ASN A 425 -23.94 -0.08 1.24
C ASN A 425 -22.79 -1.06 1.38
N THR A 426 -22.36 -1.39 2.59
CA THR A 426 -21.23 -2.27 2.80
C THR A 426 -21.58 -3.54 3.56
N ARG A 427 -20.79 -4.58 3.34
CA ARG A 427 -20.73 -5.74 4.22
C ARG A 427 -19.26 -6.09 4.40
N LEU A 428 -18.92 -6.64 5.57
CA LEU A 428 -17.55 -6.97 5.90
C LEU A 428 -17.36 -8.45 6.09
N VAL A 429 -16.32 -8.99 5.48
CA VAL A 429 -15.82 -10.35 5.72
C VAL A 429 -14.47 -10.25 6.40
N THR A 430 -14.39 -10.78 7.63
CA THR A 430 -13.15 -10.80 8.41
C THR A 430 -12.61 -12.22 8.43
N LEU A 431 -11.31 -12.35 8.24
CA LEU A 431 -10.63 -13.63 8.32
C LEU A 431 -9.93 -13.69 9.69
N ALA A 432 -10.55 -14.42 10.61
CA ALA A 432 -9.98 -14.62 11.93
C ALA A 432 -8.83 -15.60 11.86
N GLY A 433 -7.85 -15.39 12.72
CA GLY A 433 -6.71 -16.28 12.79
C GLY A 433 -5.66 -16.01 11.74
N ALA A 434 -5.88 -15.01 10.87
CA ALA A 434 -4.93 -14.63 9.83
C ALA A 434 -4.01 -13.53 10.33
N VAL A 435 -2.71 -13.71 10.11
CA VAL A 435 -1.71 -12.65 10.29
C VAL A 435 -1.18 -12.32 8.91
N GLN A 436 -1.76 -11.29 8.28
CA GLN A 436 -1.63 -11.11 6.86
C GLN A 436 -2.05 -9.70 6.51
N HIS A 437 -1.51 -9.23 5.39
CA HIS A 437 -1.93 -7.99 4.76
C HIS A 437 -2.12 -8.29 3.28
N ARG A 438 -3.26 -7.94 2.70
CA ARG A 438 -3.71 -8.30 1.34
C ARG A 438 -4.20 -9.72 1.36
N VAL A 439 -5.52 -9.90 1.50
CA VAL A 439 -6.08 -11.22 1.75
C VAL A 439 -6.68 -11.84 0.50
N PHE A 440 -7.66 -11.18 -0.10
CA PHE A 440 -8.32 -11.69 -1.30
C PHE A 440 -7.56 -11.21 -2.54
N PRO A 441 -7.02 -12.10 -3.38
CA PRO A 441 -7.05 -13.56 -3.29
C PRO A 441 -5.72 -14.14 -2.81
N PHE A 442 -4.72 -13.30 -2.55
CA PHE A 442 -3.34 -13.74 -2.43
C PHE A 442 -3.09 -14.68 -1.27
N HIS A 443 -3.84 -14.55 -0.17
CA HIS A 443 -3.64 -15.44 0.99
C HIS A 443 -4.08 -16.87 0.68
N GLY A 444 -4.90 -17.07 -0.34
CA GLY A 444 -5.31 -18.43 -0.71
C GLY A 444 -6.33 -19.06 0.20
N ASP A 445 -7.05 -18.28 1.00
CA ASP A 445 -8.06 -18.88 1.87
C ASP A 445 -9.28 -19.25 1.03
N PRO A 446 -9.67 -20.52 0.98
CA PRO A 446 -10.81 -20.90 0.13
C PRO A 446 -12.10 -20.19 0.50
N GLY A 447 -12.36 -20.04 1.79
CA GLY A 447 -13.60 -19.41 2.24
C GLY A 447 -13.67 -17.96 1.82
N VAL A 448 -12.61 -17.19 2.09
CA VAL A 448 -12.60 -15.78 1.67
C VAL A 448 -12.71 -15.70 0.15
N ASN A 449 -11.92 -16.50 -0.55
CA ASN A 449 -11.86 -16.35 -1.99
C ASN A 449 -13.18 -16.71 -2.63
N ARG A 450 -13.86 -17.72 -2.11
CA ARG A 450 -15.14 -18.04 -2.70
C ARG A 450 -16.22 -17.05 -2.34
N ALA A 451 -16.18 -16.44 -1.14
CA ALA A 451 -17.16 -15.42 -0.80
C ALA A 451 -16.99 -14.18 -1.68
N ALA A 452 -15.76 -13.74 -1.87
CA ALA A 452 -15.52 -12.56 -2.68
C ALA A 452 -15.83 -12.82 -4.14
N ALA A 453 -15.49 -14.04 -4.64
CA ALA A 453 -15.82 -14.37 -6.02
C ALA A 453 -17.33 -14.41 -6.21
N ALA A 454 -18.05 -14.98 -5.25
CA ALA A 454 -19.50 -15.07 -5.41
C ALA A 454 -20.12 -13.68 -5.45
N TYR A 455 -19.63 -12.75 -4.61
CA TYR A 455 -20.11 -11.37 -4.67
C TYR A 455 -19.81 -10.75 -6.04
N LEU A 456 -18.56 -10.91 -6.51
CA LEU A 456 -18.22 -10.32 -7.81
C LEU A 456 -19.06 -10.88 -8.94
N LEU A 457 -19.37 -12.16 -8.90
CA LEU A 457 -20.08 -12.77 -10.02
C LEU A 457 -21.59 -12.69 -9.92
N THR A 458 -22.18 -12.61 -8.70
CA THR A 458 -23.64 -12.56 -8.51
C THR A 458 -24.13 -11.23 -7.97
N GLY A 459 -23.28 -10.42 -7.37
CA GLY A 459 -23.65 -9.12 -6.77
C GLY A 459 -24.24 -9.15 -5.38
N LYS A 460 -24.38 -10.34 -4.80
CA LYS A 460 -25.02 -10.49 -3.52
C LYS A 460 -23.99 -10.35 -2.42
N LEU A 461 -24.16 -9.31 -1.56
CA LEU A 461 -23.39 -9.23 -0.33
C LEU A 461 -23.88 -10.31 0.64
N PRO A 462 -23.02 -10.76 1.57
CA PRO A 462 -23.49 -11.70 2.61
C PRO A 462 -24.58 -11.05 3.48
N ASP A 463 -25.47 -11.85 4.10
CA ASP A 463 -26.63 -11.25 4.80
C ASP A 463 -26.22 -10.36 5.98
N THR A 464 -25.22 -10.77 6.74
CA THR A 464 -24.65 -9.95 7.80
C THR A 464 -23.14 -10.09 7.70
N ASP A 465 -22.42 -9.20 8.37
CA ASP A 465 -20.97 -9.32 8.41
C ASP A 465 -20.57 -10.72 8.83
N LEU A 466 -19.53 -11.24 8.20
CA LEU A 466 -19.14 -12.63 8.37
C LEU A 466 -17.74 -12.68 8.94
N THR A 467 -17.51 -13.57 9.90
CA THR A 467 -16.16 -13.90 10.35
C THR A 467 -15.87 -15.32 9.94
N LEU A 468 -14.86 -15.51 9.12
CA LEU A 468 -14.41 -16.81 8.67
C LEU A 468 -13.15 -17.18 9.42
N ARG A 469 -13.01 -18.47 9.67
CA ARG A 469 -11.84 -18.95 10.38
C ARG A 469 -10.82 -19.36 9.35
N ALA A 470 -9.62 -18.80 9.47
CA ALA A 470 -8.55 -19.10 8.53
C ALA A 470 -8.31 -20.60 8.43
N ALA A 471 -8.48 -21.14 7.22
CA ALA A 471 -8.15 -22.54 6.98
C ALA A 471 -6.66 -22.78 7.17
N ALA A 472 -6.31 -24.03 7.47
CA ALA A 472 -4.92 -24.42 7.71
C ALA A 472 -4.08 -24.34 6.44
#